data_3ASX
#
_entry.id   3ASX
#
_cell.length_a   87.069
_cell.length_b   59.837
_cell.length_c   85.447
_cell.angle_alpha   90.00
_cell.angle_beta   116.66
_cell.angle_gamma   90.00
#
_symmetry.space_group_name_H-M   'C 1 2 1'
#
loop_
_entity.id
_entity.type
_entity.pdbx_description
1 polymer 'Squalene synthase'
2 non-polymer 'PHOSPHATE ION'
3 non-polymer '(3R)-1-{4-[{4-chloro-2-[(S)-(2-chlorophenyl)(hydroxy)methyl]phenyl}(2,2-dimethylpropyl)amino]-4-oxobutanoyl}piperidine-3-carboxylic acid'
4 water water
#
_entity_poly.entity_id   1
_entity_poly.type   'polypeptide(L)'
_entity_poly.pdbx_seq_one_letter_code
;MDQDSLSSSLKTCYKYLNQTSRSFAAVIQALDGEMRNAVCIFYLVLRALDTLEDDMTISVEKKVPLLHNFHSFLYQPDWR
FMESKEKDRQVLEDFPTISLEFRNLAEKYQTVIADICRRMGIGMAEFLDKHVTSEQEWDKYCHYVAGLVGIGLSRLFSAS
EFEDPLVGEDTERANSMGLFLQKTNIIRDYLEDQQGGREFWPQEVWSRYVKKLGDFAKPENIDLAVQCLNELITNALHHI
PDVITYLSRLRNQSVFNFCAIPQVMAIATLAACYNNQQVFKGAVKIRKGQAVTLMMDATNMPAVKAIIYQYMEEIYHRIP
DSDPSSSKTRQIISTIRTQN
;
_entity_poly.pdbx_strand_id   A
#
# COMPACT_ATOMS: atom_id res chain seq x y z
N LEU A 6 -16.00 19.32 12.71
CA LEU A 6 -16.93 19.95 13.69
C LEU A 6 -16.36 20.18 15.11
N SER A 7 -15.22 19.55 15.44
CA SER A 7 -14.66 19.63 16.83
C SER A 7 -13.21 20.19 16.99
N SER A 8 -12.80 20.32 18.25
CA SER A 8 -11.45 20.77 18.66
C SER A 8 -10.32 19.82 18.18
N SER A 9 -10.44 18.54 18.54
CA SER A 9 -9.42 17.53 18.25
C SER A 9 -9.60 16.79 16.88
N LEU A 10 -10.80 16.90 16.27
CA LEU A 10 -11.01 16.44 14.88
C LEU A 10 -10.33 17.39 13.87
N LYS A 11 -10.20 18.67 14.25
CA LYS A 11 -9.49 19.64 13.41
C LYS A 11 -7.97 19.37 13.42
N THR A 12 -7.44 18.97 14.58
CA THR A 12 -6.02 18.57 14.71
C THR A 12 -5.74 17.24 13.97
N CYS A 13 -6.76 16.37 13.91
CA CYS A 13 -6.71 15.12 13.12
C CYS A 13 -6.57 15.44 11.61
N TYR A 14 -7.47 16.29 11.10
CA TYR A 14 -7.34 16.73 9.71
C TYR A 14 -6.04 17.50 9.39
N LYS A 15 -5.55 18.29 10.36
CA LYS A 15 -4.24 18.96 10.27
C LYS A 15 -3.15 17.90 10.02
N TYR A 16 -3.10 16.90 10.91
CA TYR A 16 -2.17 15.78 10.81
C TYR A 16 -2.34 15.03 9.48
N LEU A 17 -3.60 14.82 9.06
CA LEU A 17 -3.91 14.17 7.78
C LEU A 17 -3.18 14.83 6.58
N ASN A 18 -3.22 16.17 6.54
CA ASN A 18 -2.59 16.95 5.47
C ASN A 18 -1.05 16.98 5.54
N GLN A 19 -0.50 16.97 6.77
CA GLN A 19 0.94 16.98 7.02
C GLN A 19 1.65 15.74 6.46
N THR A 20 1.27 14.59 7.04
CA THR A 20 1.80 13.28 6.67
C THR A 20 1.57 12.90 5.17
N SER A 21 0.54 13.46 4.51
CA SER A 21 0.02 12.82 3.26
C SER A 21 0.72 13.02 1.90
N ARG A 22 0.48 14.07 1.11
CA ARG A 22 -0.22 15.31 1.46
C ARG A 22 -1.32 15.69 0.46
N SER A 23 -1.25 15.17 -0.76
CA SER A 23 -2.16 15.60 -1.83
C SER A 23 -3.46 14.75 -1.87
N PHE A 24 -3.32 13.58 -1.24
CA PHE A 24 -4.36 12.57 -1.09
C PHE A 24 -5.44 12.97 -0.06
N ALA A 25 -5.09 13.90 0.84
CA ALA A 25 -6.02 14.45 1.82
C ALA A 25 -7.37 14.86 1.23
N ALA A 26 -7.37 15.46 0.02
CA ALA A 26 -8.59 15.94 -0.64
C ALA A 26 -9.56 14.79 -1.01
N VAL A 27 -8.97 13.71 -1.51
CA VAL A 27 -9.71 12.51 -1.91
C VAL A 27 -10.37 11.93 -0.68
N ILE A 28 -9.61 11.83 0.42
CA ILE A 28 -10.22 11.37 1.69
C ILE A 28 -11.40 12.28 2.12
N GLN A 29 -11.18 13.60 2.09
CA GLN A 29 -12.18 14.59 2.56
C GLN A 29 -13.39 14.64 1.66
N ALA A 30 -13.27 14.15 0.44
CA ALA A 30 -14.44 14.00 -0.44
C ALA A 30 -15.32 12.77 -0.12
N LEU A 31 -14.81 11.80 0.65
CA LEU A 31 -15.66 10.63 0.98
C LEU A 31 -17.00 11.07 1.60
N ASP A 32 -18.08 10.44 1.16
CA ASP A 32 -19.45 10.71 1.58
C ASP A 32 -19.70 10.36 3.05
N GLY A 33 -20.42 11.28 3.74
CA GLY A 33 -21.10 10.95 4.99
C GLY A 33 -20.12 10.47 6.07
N GLU A 34 -20.48 9.42 6.77
CA GLU A 34 -19.67 8.89 7.87
C GLU A 34 -18.31 8.31 7.38
N MET A 35 -18.15 8.08 6.08
CA MET A 35 -16.88 7.47 5.60
C MET A 35 -15.70 8.38 5.75
N ARG A 36 -15.94 9.69 5.68
CA ARG A 36 -14.86 10.66 5.71
C ARG A 36 -14.06 10.55 7.00
N ASN A 37 -14.75 10.63 8.13
CA ASN A 37 -14.08 10.61 9.43
C ASN A 37 -13.47 9.23 9.74
N ALA A 38 -14.19 8.18 9.41
CA ALA A 38 -13.77 6.81 9.70
C ALA A 38 -12.54 6.45 8.88
N VAL A 39 -12.51 6.85 7.62
CA VAL A 39 -11.27 6.63 6.83
C VAL A 39 -10.13 7.53 7.31
N CYS A 40 -10.44 8.81 7.55
CA CYS A 40 -9.38 9.72 8.05
C CYS A 40 -8.71 9.23 9.34
N ILE A 41 -9.53 8.81 10.29
CA ILE A 41 -8.99 8.28 11.53
C ILE A 41 -8.24 6.97 11.30
N PHE A 42 -8.74 6.12 10.42
CA PHE A 42 -8.05 4.83 10.16
C PHE A 42 -6.69 5.15 9.56
N TYR A 43 -6.68 6.09 8.64
CA TYR A 43 -5.39 6.52 8.06
C TYR A 43 -4.38 6.94 9.13
N LEU A 44 -4.80 7.77 10.07
CA LEU A 44 -3.91 8.31 11.13
C LEU A 44 -3.48 7.24 12.08
N VAL A 45 -4.37 6.29 12.38
CA VAL A 45 -4.05 5.17 13.27
C VAL A 45 -2.98 4.27 12.60
N LEU A 46 -3.17 3.96 11.32
CA LEU A 46 -2.17 3.23 10.54
C LEU A 46 -0.86 4.00 10.46
N ARG A 47 -0.90 5.33 10.27
CA ARG A 47 0.38 6.10 10.31
C ARG A 47 1.07 5.92 11.65
N ALA A 48 0.34 5.99 12.75
CA ALA A 48 0.97 5.73 14.10
C ALA A 48 1.53 4.28 14.23
N LEU A 49 0.77 3.26 13.80
CA LEU A 49 1.27 1.89 13.88
C LEU A 49 2.54 1.76 13.02
N ASP A 50 2.49 2.28 11.80
CA ASP A 50 3.67 2.17 10.88
C ASP A 50 4.92 2.83 11.51
N THR A 51 4.71 3.93 12.22
CA THR A 51 5.83 4.71 12.79
C THR A 51 6.52 3.92 13.88
N LEU A 52 5.72 3.19 14.65
CA LEU A 52 6.25 2.22 15.61
C LEU A 52 6.99 1.09 14.95
N GLU A 53 6.39 0.47 13.93
CA GLU A 53 7.06 -0.61 13.25
C GLU A 53 8.39 -0.15 12.66
N ASP A 54 8.40 1.05 12.10
CA ASP A 54 9.55 1.49 11.29
C ASP A 54 10.74 2.05 12.12
N ASP A 55 10.49 2.26 13.39
CA ASP A 55 11.46 2.97 14.19
C ASP A 55 12.59 2.06 14.66
N MET A 56 13.79 2.26 14.08
CA MET A 56 14.92 1.36 14.35
C MET A 56 15.50 1.53 15.74
N THR A 57 15.07 2.57 16.44
CA THR A 57 15.64 2.87 17.74
C THR A 57 14.84 2.23 18.85
N ILE A 58 13.74 1.54 18.52
CA ILE A 58 12.96 0.85 19.55
C ILE A 58 13.47 -0.59 19.45
N SER A 59 13.85 -1.17 20.58
CA SER A 59 14.43 -2.50 20.56
C SER A 59 13.30 -3.50 20.24
N VAL A 60 13.68 -4.65 19.75
CA VAL A 60 12.70 -5.67 19.46
C VAL A 60 11.95 -6.02 20.78
N GLU A 61 12.65 -6.15 21.91
CA GLU A 61 11.88 -6.54 23.11
C GLU A 61 10.82 -5.52 23.53
N LYS A 62 11.01 -4.26 23.26
CA LYS A 62 9.98 -3.25 23.54
C LYS A 62 8.93 -3.16 22.40
N LYS A 63 9.38 -3.42 21.15
CA LYS A 63 8.55 -3.17 19.97
C LYS A 63 7.44 -4.23 19.87
N VAL A 64 7.77 -5.48 20.22
CA VAL A 64 6.86 -6.57 20.08
C VAL A 64 5.57 -6.35 20.90
N PRO A 65 5.71 -6.08 22.21
CA PRO A 65 4.49 -5.72 23.00
C PRO A 65 3.75 -4.53 22.47
N LEU A 66 4.47 -3.50 22.07
CA LEU A 66 3.84 -2.30 21.48
C LEU A 66 2.93 -2.67 20.27
N LEU A 67 3.47 -3.43 19.36
CA LEU A 67 2.78 -3.89 18.10
C LEU A 67 1.63 -4.77 18.49
N HIS A 68 1.87 -5.73 19.39
CA HIS A 68 0.79 -6.58 19.82
C HIS A 68 -0.37 -5.83 20.49
N ASN A 69 -0.03 -4.89 21.34
CA ASN A 69 -1.04 -4.22 22.15
C ASN A 69 -1.56 -2.93 21.54
N PHE A 70 -1.06 -2.55 20.37
CA PHE A 70 -1.51 -1.29 19.79
C PHE A 70 -3.02 -1.14 19.70
N HIS A 71 -3.73 -2.20 19.26
CA HIS A 71 -5.19 -2.17 19.11
C HIS A 71 -5.85 -1.81 20.46
N SER A 72 -5.23 -2.20 21.56
CA SER A 72 -5.80 -1.90 22.89
C SER A 72 -5.54 -0.45 23.27
N PHE A 73 -4.42 0.12 22.84
CA PHE A 73 -4.16 1.56 23.16
C PHE A 73 -5.21 2.54 22.63
N LEU A 74 -5.85 2.18 21.55
CA LEU A 74 -6.97 2.94 20.97
C LEU A 74 -8.09 3.23 22.00
N TYR A 75 -8.28 2.32 22.96
CA TYR A 75 -9.32 2.37 23.99
C TYR A 75 -8.82 2.97 25.32
N GLN A 76 -7.56 3.41 25.34
CA GLN A 76 -6.88 3.92 26.56
C GLN A 76 -6.66 5.43 26.44
N PRO A 77 -7.55 6.22 27.10
CA PRO A 77 -7.52 7.69 26.89
C PRO A 77 -6.15 8.34 27.14
N ASP A 78 -5.37 7.81 28.09
CA ASP A 78 -4.06 8.44 28.36
C ASP A 78 -2.82 8.02 27.51
N TRP A 79 -2.87 6.81 26.93
CA TRP A 79 -1.71 6.24 26.26
C TRP A 79 -1.04 7.23 25.30
N ARG A 80 0.30 7.35 25.34
CA ARG A 80 1.10 7.99 24.25
C ARG A 80 2.52 7.41 24.18
N PHE A 81 3.26 7.74 23.11
CA PHE A 81 4.69 7.37 22.91
C PHE A 81 5.60 8.59 22.60
N MET A 82 6.50 8.91 23.54
CA MET A 82 7.26 10.19 23.54
C MET A 82 8.69 10.13 22.97
N GLU A 83 9.08 8.96 22.46
CA GLU A 83 10.49 8.71 22.16
C GLU A 83 10.63 8.04 20.81
N SER A 84 10.44 8.84 19.76
CA SER A 84 10.50 8.35 18.36
C SER A 84 11.38 9.27 17.49
N LYS A 85 12.14 8.66 16.57
CA LYS A 85 13.05 9.44 15.73
C LYS A 85 12.62 9.60 14.27
N GLU A 86 11.51 8.94 13.90
CA GLU A 86 10.88 9.08 12.55
C GLU A 86 10.27 10.48 12.27
N LYS A 87 9.99 10.75 10.99
CA LYS A 87 9.38 12.01 10.54
C LYS A 87 8.04 12.31 11.24
N ASP A 88 7.03 11.46 10.98
CA ASP A 88 5.65 11.61 11.51
C ASP A 88 5.45 11.33 13.02
N ARG A 89 6.53 11.48 13.82
CA ARG A 89 6.52 11.18 15.27
C ARG A 89 5.41 11.89 16.06
N GLN A 90 4.91 13.00 15.51
CA GLN A 90 3.78 13.75 16.10
C GLN A 90 2.53 12.94 16.28
N VAL A 91 2.20 12.07 15.28
CA VAL A 91 1.01 11.16 15.42
C VAL A 91 1.11 10.33 16.68
N LEU A 92 2.32 9.89 17.02
CA LEU A 92 2.58 9.14 18.29
C LEU A 92 2.56 10.03 19.54
N GLU A 93 3.26 11.16 19.48
CA GLU A 93 3.26 12.11 20.61
C GLU A 93 1.83 12.58 20.94
N ASP A 94 1.04 12.87 19.92
CA ASP A 94 -0.34 13.27 20.08
C ASP A 94 -1.40 12.14 19.73
N PHE A 95 -1.01 10.90 19.99
CA PHE A 95 -1.94 9.78 19.83
C PHE A 95 -3.25 9.99 20.66
N PRO A 96 -3.16 10.67 21.81
CA PRO A 96 -4.39 10.70 22.63
C PRO A 96 -5.49 11.44 21.89
N THR A 97 -5.09 12.41 21.08
CA THR A 97 -6.04 13.15 20.24
C THR A 97 -6.64 12.24 19.15
N ILE A 98 -5.78 11.40 18.53
CA ILE A 98 -6.27 10.49 17.52
C ILE A 98 -7.20 9.42 18.15
N SER A 99 -6.80 8.86 19.29
CA SER A 99 -7.57 7.80 19.88
C SER A 99 -8.90 8.37 20.46
N LEU A 100 -8.91 9.63 20.86
CA LEU A 100 -10.19 10.29 21.29
C LEU A 100 -11.15 10.28 20.09
N GLU A 101 -10.62 10.61 18.92
CA GLU A 101 -11.47 10.68 17.71
C GLU A 101 -11.92 9.33 17.27
N PHE A 102 -11.02 8.33 17.45
CA PHE A 102 -11.38 6.92 17.26
C PHE A 102 -12.58 6.58 18.10
N ARG A 103 -12.50 6.88 19.38
CA ARG A 103 -13.57 6.49 20.29
C ARG A 103 -14.94 7.22 20.07
N ASN A 104 -14.90 8.32 19.31
CA ASN A 104 -16.13 9.04 18.90
C ASN A 104 -16.74 8.51 17.67
N LEU A 105 -16.08 7.58 16.98
CA LEU A 105 -16.68 7.00 15.77
C LEU A 105 -17.79 6.06 16.16
N ALA A 106 -18.75 5.79 15.26
CA ALA A 106 -19.74 4.75 15.48
C ALA A 106 -18.95 3.45 15.74
N GLU A 107 -19.54 2.65 16.62
CA GLU A 107 -18.88 1.47 17.07
C GLU A 107 -18.60 0.52 15.93
N LYS A 108 -19.48 0.46 14.92
CA LYS A 108 -19.27 -0.41 13.79
C LYS A 108 -17.99 -0.03 13.03
N TYR A 109 -17.49 1.21 13.17
CA TYR A 109 -16.23 1.56 12.49
C TYR A 109 -15.06 1.33 13.46
N GLN A 110 -15.27 1.68 14.73
CA GLN A 110 -14.22 1.38 15.70
C GLN A 110 -13.83 -0.08 15.65
N THR A 111 -14.81 -1.00 15.60
CA THR A 111 -14.52 -2.44 15.75
C THR A 111 -13.73 -2.98 14.51
N VAL A 112 -14.05 -2.47 13.31
CA VAL A 112 -13.22 -2.75 12.13
C VAL A 112 -11.77 -2.35 12.38
N ILE A 113 -11.56 -1.10 12.81
CA ILE A 113 -10.22 -0.53 12.87
C ILE A 113 -9.42 -1.30 13.94
N ALA A 114 -10.05 -1.52 15.09
CA ALA A 114 -9.36 -2.18 16.19
C ALA A 114 -8.93 -3.61 15.77
N ASP A 115 -9.83 -4.37 15.15
CA ASP A 115 -9.52 -5.70 14.72
C ASP A 115 -8.39 -5.76 13.68
N ILE A 116 -8.39 -4.83 12.73
CA ILE A 116 -7.34 -4.76 11.70
C ILE A 116 -6.03 -4.44 12.40
N CYS A 117 -6.04 -3.45 13.31
CA CYS A 117 -4.78 -3.18 14.00
C CYS A 117 -4.27 -4.34 14.83
N ARG A 118 -5.18 -5.10 15.47
CA ARG A 118 -4.71 -6.31 16.19
C ARG A 118 -3.97 -7.27 15.28
N ARG A 119 -4.58 -7.56 14.13
CA ARG A 119 -4.04 -8.58 13.20
C ARG A 119 -2.76 -8.04 12.55
N MET A 120 -2.71 -6.74 12.23
CA MET A 120 -1.49 -6.18 11.60
C MET A 120 -0.36 -6.21 12.59
N GLY A 121 -0.67 -5.85 13.84
CA GLY A 121 0.38 -5.82 14.85
C GLY A 121 1.01 -7.20 15.00
N ILE A 122 0.18 -8.23 15.04
CA ILE A 122 0.71 -9.60 15.14
C ILE A 122 1.66 -9.91 13.97
N GLY A 123 1.19 -9.63 12.74
CA GLY A 123 2.02 -9.87 11.57
C GLY A 123 3.31 -9.04 11.55
N MET A 124 3.20 -7.76 11.86
CA MET A 124 4.39 -6.93 11.83
C MET A 124 5.43 -7.46 12.84
N ALA A 125 4.97 -7.82 14.04
CA ALA A 125 5.87 -8.36 15.04
C ALA A 125 6.62 -9.63 14.56
N GLU A 126 5.90 -10.48 13.82
CA GLU A 126 6.51 -11.71 13.29
C GLU A 126 7.63 -11.40 12.25
N PHE A 127 7.54 -10.28 11.52
CA PHE A 127 8.61 -9.97 10.55
C PHE A 127 9.76 -9.11 11.05
N LEU A 128 9.74 -8.70 12.33
CA LEU A 128 10.84 -7.85 12.85
C LEU A 128 12.20 -8.58 12.74
N ASP A 129 12.22 -9.85 13.04
CA ASP A 129 13.44 -10.56 12.78
C ASP A 129 13.69 -10.78 11.26
N LYS A 130 12.89 -11.63 10.59
CA LYS A 130 13.16 -12.05 9.21
C LYS A 130 13.18 -11.00 8.06
N HIS A 131 13.95 -11.26 6.98
CA HIS A 131 13.74 -10.62 5.67
C HIS A 131 12.79 -11.54 4.93
N VAL A 132 12.16 -11.09 3.85
CA VAL A 132 11.18 -11.93 3.13
C VAL A 132 11.97 -12.97 2.32
N THR A 133 11.60 -14.23 2.37
CA THR A 133 12.28 -15.28 1.60
C THR A 133 11.47 -15.59 0.33
N SER A 134 10.48 -16.49 0.41
CA SER A 134 9.67 -16.87 -0.72
C SER A 134 8.68 -15.78 -1.17
N GLU A 135 8.23 -15.91 -2.42
CA GLU A 135 7.09 -15.15 -2.95
C GLU A 135 5.84 -15.36 -2.10
N GLN A 136 5.66 -16.55 -1.52
CA GLN A 136 4.50 -16.72 -0.55
C GLN A 136 4.72 -15.89 0.72
N GLU A 137 5.92 -15.87 1.28
CA GLU A 137 6.24 -14.93 2.38
C GLU A 137 6.09 -13.47 1.99
N TRP A 138 6.46 -13.12 0.77
CA TRP A 138 6.24 -11.73 0.34
C TRP A 138 4.75 -11.35 0.40
N ASP A 139 3.87 -12.27 0.00
CA ASP A 139 2.45 -12.02 0.00
C ASP A 139 1.95 -11.95 1.46
N LYS A 140 2.53 -12.79 2.35
CA LYS A 140 2.16 -12.76 3.81
C LYS A 140 2.62 -11.41 4.44
N TYR A 141 3.89 -11.04 4.23
CA TYR A 141 4.37 -9.71 4.66
C TYR A 141 3.44 -8.54 4.15
N CYS A 142 3.21 -8.47 2.84
CA CYS A 142 2.31 -7.45 2.23
C CYS A 142 0.87 -7.52 2.82
N HIS A 143 0.36 -8.73 3.10
CA HIS A 143 -0.98 -8.88 3.78
C HIS A 143 -0.96 -8.09 5.09
N TYR A 144 0.10 -8.30 5.90
CA TYR A 144 0.21 -7.67 7.19
C TYR A 144 0.27 -6.15 7.09
N VAL A 145 1.00 -5.58 6.12
CA VAL A 145 1.24 -4.14 6.14
C VAL A 145 0.34 -3.35 5.19
N ALA A 146 -0.36 -4.02 4.29
CA ALA A 146 -1.06 -3.37 3.18
C ALA A 146 -2.35 -4.08 2.87
N GLY A 147 -2.31 -5.39 2.68
CA GLY A 147 -3.49 -6.14 2.27
C GLY A 147 -4.60 -5.98 3.31
N LEU A 148 -4.25 -5.98 4.59
CA LEU A 148 -5.24 -5.74 5.69
C LEU A 148 -5.77 -4.29 5.75
N VAL A 149 -4.95 -3.32 5.33
CA VAL A 149 -5.49 -1.95 5.04
C VAL A 149 -6.63 -2.01 4.00
N GLY A 150 -6.44 -2.68 2.86
CA GLY A 150 -7.50 -2.82 1.85
C GLY A 150 -8.75 -3.48 2.47
N ILE A 151 -8.51 -4.54 3.23
CA ILE A 151 -9.57 -5.25 3.94
C ILE A 151 -10.31 -4.32 4.91
N GLY A 152 -9.59 -3.60 5.77
CA GLY A 152 -10.24 -2.75 6.70
C GLY A 152 -11.12 -1.68 5.99
N LEU A 153 -10.54 -1.01 4.97
CA LEU A 153 -11.27 0.01 4.28
C LEU A 153 -12.54 -0.55 3.67
N SER A 154 -12.44 -1.71 3.08
CA SER A 154 -13.57 -2.39 2.44
C SER A 154 -14.69 -2.60 3.45
N ARG A 155 -14.33 -3.06 4.65
CA ARG A 155 -15.35 -3.18 5.72
C ARG A 155 -15.93 -1.85 6.19
N LEU A 156 -15.15 -0.78 6.25
CA LEU A 156 -15.76 0.55 6.49
C LEU A 156 -16.81 0.94 5.44
N PHE A 157 -16.45 0.72 4.18
CA PHE A 157 -17.36 0.98 3.05
C PHE A 157 -18.67 0.20 3.20
N SER A 158 -18.60 -1.14 3.34
CA SER A 158 -19.79 -1.92 3.58
C SER A 158 -20.54 -1.53 4.87
N ALA A 159 -19.83 -1.30 5.96
CA ALA A 159 -20.51 -1.05 7.24
C ALA A 159 -21.26 0.30 7.19
N SER A 160 -20.74 1.29 6.43
CA SER A 160 -21.38 2.63 6.28
C SER A 160 -22.67 2.46 5.41
N GLU A 161 -22.83 1.31 4.80
CA GLU A 161 -23.88 1.01 3.82
C GLU A 161 -23.81 1.77 2.49
N PHE A 162 -22.69 2.46 2.24
CA PHE A 162 -22.53 3.11 0.94
C PHE A 162 -22.17 2.11 -0.12
N GLU A 163 -21.63 0.94 0.29
CA GLU A 163 -21.34 -0.17 -0.64
C GLU A 163 -21.98 -1.49 -0.19
N ASP A 164 -22.24 -2.37 -1.12
CA ASP A 164 -22.83 -3.67 -0.84
C ASP A 164 -21.95 -4.49 0.17
N PRO A 165 -22.59 -5.33 1.01
CA PRO A 165 -21.78 -6.19 1.93
C PRO A 165 -20.68 -6.98 1.25
N LEU A 166 -20.81 -7.35 -0.03
CA LEU A 166 -19.72 -8.13 -0.68
C LEU A 166 -18.38 -7.42 -0.68
N VAL A 167 -18.38 -6.08 -0.78
CA VAL A 167 -17.12 -5.32 -0.84
C VAL A 167 -16.30 -5.65 0.46
N GLY A 168 -16.99 -5.59 1.59
CA GLY A 168 -16.37 -5.81 2.85
C GLY A 168 -16.06 -7.29 3.06
N GLU A 169 -16.85 -8.18 2.52
CA GLU A 169 -16.58 -9.62 2.74
C GLU A 169 -15.52 -10.30 1.86
N ASP A 170 -15.32 -9.82 0.62
CA ASP A 170 -14.41 -10.46 -0.28
C ASP A 170 -12.98 -10.01 0.10
N THR A 171 -12.40 -10.69 1.09
CA THR A 171 -11.10 -10.30 1.66
C THR A 171 -10.01 -10.45 0.60
N GLU A 172 -10.16 -11.38 -0.34
CA GLU A 172 -9.06 -11.71 -1.28
C GLU A 172 -8.93 -10.57 -2.31
N ARG A 173 -10.06 -10.08 -2.81
CA ARG A 173 -10.04 -8.88 -3.75
C ARG A 173 -9.53 -7.64 -3.00
N ALA A 174 -10.03 -7.40 -1.79
CA ALA A 174 -9.53 -6.26 -0.99
C ALA A 174 -8.04 -6.41 -0.67
N ASN A 175 -7.59 -7.65 -0.42
CA ASN A 175 -6.18 -7.89 -0.04
C ASN A 175 -5.33 -7.54 -1.29
N SER A 176 -5.78 -7.97 -2.46
CA SER A 176 -5.05 -7.72 -3.78
C SER A 176 -4.90 -6.22 -4.05
N MET A 177 -5.93 -5.45 -3.72
CA MET A 177 -5.90 -3.96 -3.78
C MET A 177 -4.66 -3.36 -3.03
N GLY A 178 -4.48 -3.77 -1.77
CA GLY A 178 -3.33 -3.41 -0.99
C GLY A 178 -1.99 -3.96 -1.46
N LEU A 179 -1.99 -5.22 -1.92
CA LEU A 179 -0.77 -5.89 -2.28
C LEU A 179 -0.28 -5.21 -3.57
N PHE A 180 -1.19 -4.88 -4.48
CA PHE A 180 -0.73 -4.23 -5.70
C PHE A 180 0.06 -2.94 -5.41
N LEU A 181 -0.46 -2.10 -4.50
CA LEU A 181 0.15 -0.84 -4.18
C LEU A 181 1.45 -1.09 -3.42
N GLN A 182 1.41 -1.97 -2.43
CA GLN A 182 2.60 -2.25 -1.65
C GLN A 182 3.73 -2.82 -2.48
N LYS A 183 3.46 -3.81 -3.34
CA LYS A 183 4.56 -4.40 -4.15
C LYS A 183 5.13 -3.35 -5.15
N THR A 184 4.25 -2.53 -5.70
CA THR A 184 4.70 -1.37 -6.54
C THR A 184 5.68 -0.47 -5.81
N ASN A 185 5.34 0.01 -4.60
CA ASN A 185 6.26 0.77 -3.79
C ASN A 185 7.57 0.05 -3.52
N ILE A 186 7.48 -1.22 -3.08
CA ILE A 186 8.67 -1.95 -2.73
C ILE A 186 9.60 -2.07 -3.98
N ILE A 187 8.98 -2.37 -5.10
CA ILE A 187 9.70 -2.48 -6.41
C ILE A 187 10.46 -1.14 -6.70
N ARG A 188 9.69 -0.04 -6.71
CA ARG A 188 10.16 1.27 -7.04
C ARG A 188 11.24 1.73 -6.06
N ASP A 189 11.08 1.37 -4.77
CA ASP A 189 11.94 1.92 -3.71
C ASP A 189 13.21 1.13 -3.46
N TYR A 190 13.56 0.22 -4.38
CA TYR A 190 14.76 -0.62 -4.19
C TYR A 190 15.96 0.20 -3.64
N LEU A 191 16.32 1.28 -4.31
CA LEU A 191 17.61 1.97 -3.93
C LEU A 191 17.54 2.72 -2.61
N GLU A 192 16.54 3.57 -2.39
CA GLU A 192 16.38 4.26 -1.10
C GLU A 192 16.25 3.26 0.05
N ASP A 193 15.53 2.16 -0.18
CA ASP A 193 15.52 1.09 0.84
C ASP A 193 16.94 0.53 1.14
N GLN A 194 17.67 0.19 0.08
CA GLN A 194 19.06 -0.24 0.20
C GLN A 194 19.87 0.76 1.00
N GLN A 195 19.77 2.06 0.65
CA GLN A 195 20.41 3.18 1.39
C GLN A 195 20.13 3.07 2.88
N GLY A 196 18.88 2.85 3.25
CA GLY A 196 18.44 2.91 4.65
C GLY A 196 18.60 1.60 5.38
N GLY A 197 19.30 0.64 4.78
CA GLY A 197 19.52 -0.67 5.39
C GLY A 197 18.33 -1.61 5.39
N ARG A 198 17.34 -1.36 4.53
CA ARG A 198 16.12 -2.18 4.49
C ARG A 198 16.10 -3.07 3.27
N GLU A 199 15.60 -4.29 3.42
CA GLU A 199 15.52 -5.21 2.32
C GLU A 199 14.14 -5.84 2.30
N PHE A 200 13.42 -5.56 1.23
CA PHE A 200 12.05 -6.07 1.04
C PHE A 200 11.88 -6.97 -0.17
N TRP A 201 12.79 -6.85 -1.14
CA TRP A 201 12.69 -7.75 -2.26
C TRP A 201 12.87 -9.19 -1.79
N PRO A 202 12.07 -10.09 -2.34
CA PRO A 202 12.15 -11.42 -1.76
C PRO A 202 13.44 -12.14 -2.16
N GLN A 203 14.03 -12.71 -1.12
CA GLN A 203 15.27 -13.41 -1.23
C GLN A 203 15.21 -14.54 -2.24
N GLU A 204 14.11 -15.29 -2.31
CA GLU A 204 14.00 -16.38 -3.28
C GLU A 204 14.13 -15.97 -4.74
N VAL A 205 13.70 -14.74 -5.05
CA VAL A 205 13.77 -14.20 -6.40
C VAL A 205 15.14 -13.53 -6.59
N TRP A 206 15.57 -12.63 -5.72
CA TRP A 206 16.83 -11.95 -6.03
C TRP A 206 18.04 -12.91 -6.03
N SER A 207 17.95 -14.03 -5.27
CA SER A 207 19.10 -14.89 -5.09
C SER A 207 19.30 -15.77 -6.33
N ARG A 208 18.34 -15.80 -7.23
CA ARG A 208 18.57 -16.43 -8.52
C ARG A 208 19.43 -15.54 -9.47
N TYR A 209 19.68 -14.30 -9.06
CA TYR A 209 20.41 -13.38 -9.90
C TYR A 209 21.79 -13.02 -9.35
N VAL A 210 21.85 -12.77 -8.03
CA VAL A 210 23.04 -12.24 -7.39
C VAL A 210 23.16 -12.77 -5.98
N LYS A 211 24.36 -12.59 -5.40
CA LYS A 211 24.64 -13.17 -4.07
C LYS A 211 24.10 -12.40 -2.92
N LYS A 212 23.98 -11.09 -3.10
CA LYS A 212 23.48 -10.24 -2.06
C LYS A 212 22.57 -9.23 -2.76
N LEU A 213 21.53 -8.75 -2.05
CA LEU A 213 20.55 -7.83 -2.69
C LEU A 213 21.21 -6.48 -3.01
N GLY A 214 22.05 -5.97 -2.11
CA GLY A 214 22.86 -4.79 -2.44
C GLY A 214 23.63 -4.84 -3.78
N ASP A 215 23.89 -6.03 -4.31
CA ASP A 215 24.67 -6.20 -5.55
C ASP A 215 24.04 -5.58 -6.79
N PHE A 216 22.69 -5.49 -6.83
CA PHE A 216 21.96 -4.77 -7.93
C PHE A 216 22.30 -3.28 -8.06
N ALA A 217 22.91 -2.70 -7.04
CA ALA A 217 23.30 -1.28 -7.14
C ALA A 217 24.67 -1.14 -7.84
N LYS A 218 25.40 -2.24 -7.99
CA LYS A 218 26.73 -2.16 -8.69
C LYS A 218 26.58 -2.23 -10.20
N PRO A 219 27.37 -1.40 -10.92
CA PRO A 219 27.15 -1.28 -12.37
C PRO A 219 27.25 -2.58 -13.14
N GLU A 220 28.18 -3.48 -12.75
CA GLU A 220 28.41 -4.70 -13.51
C GLU A 220 27.19 -5.62 -13.42
N ASN A 221 26.25 -5.38 -12.48
CA ASN A 221 25.12 -6.31 -12.35
C ASN A 221 23.83 -5.76 -12.94
N ILE A 222 23.92 -4.65 -13.68
CA ILE A 222 22.72 -3.88 -14.09
C ILE A 222 21.77 -4.76 -14.91
N ASP A 223 22.31 -5.69 -15.70
CA ASP A 223 21.44 -6.46 -16.57
C ASP A 223 20.66 -7.48 -15.71
N LEU A 224 21.31 -8.01 -14.69
CA LEU A 224 20.69 -9.02 -13.81
C LEU A 224 19.65 -8.32 -12.94
N ALA A 225 19.94 -7.09 -12.58
CA ALA A 225 19.08 -6.30 -11.73
C ALA A 225 17.77 -6.04 -12.46
N VAL A 226 17.86 -5.62 -13.74
CA VAL A 226 16.67 -5.35 -14.54
C VAL A 226 15.85 -6.62 -14.78
N GLN A 227 16.50 -7.78 -14.96
CA GLN A 227 15.76 -9.04 -15.13
C GLN A 227 14.93 -9.28 -13.86
N CYS A 228 15.54 -9.06 -12.70
CA CYS A 228 14.87 -9.34 -11.44
C CYS A 228 13.72 -8.31 -11.25
N LEU A 229 14.02 -7.03 -11.50
CA LEU A 229 12.97 -6.00 -11.55
C LEU A 229 11.77 -6.47 -12.41
N ASN A 230 12.03 -6.88 -13.66
CA ASN A 230 10.94 -7.33 -14.55
C ASN A 230 10.18 -8.55 -14.02
N GLU A 231 10.91 -9.42 -13.34
CA GLU A 231 10.29 -10.61 -12.80
C GLU A 231 9.35 -10.21 -11.61
N LEU A 232 9.78 -9.28 -10.76
CA LEU A 232 8.92 -8.81 -9.65
C LEU A 232 7.77 -7.98 -10.15
N ILE A 233 8.01 -7.17 -11.20
CA ILE A 233 6.91 -6.44 -11.77
C ILE A 233 5.83 -7.42 -12.29
N THR A 234 6.29 -8.53 -12.85
CA THR A 234 5.40 -9.49 -13.52
C THR A 234 4.53 -10.10 -12.41
N ASN A 235 5.17 -10.34 -11.27
CA ASN A 235 4.46 -10.83 -10.06
C ASN A 235 3.36 -9.86 -9.66
N ALA A 236 3.68 -8.58 -9.50
CA ALA A 236 2.69 -7.58 -9.11
C ALA A 236 1.48 -7.52 -10.10
N LEU A 237 1.77 -7.63 -11.41
CA LEU A 237 0.65 -7.55 -12.42
C LEU A 237 -0.40 -8.61 -12.16
N HIS A 238 -0.04 -9.71 -11.49
CA HIS A 238 -1.01 -10.78 -11.21
C HIS A 238 -2.19 -10.31 -10.36
N HIS A 239 -2.07 -9.16 -9.67
CA HIS A 239 -3.19 -8.67 -8.82
C HIS A 239 -4.20 -7.84 -9.59
N ILE A 240 -3.88 -7.46 -10.82
CA ILE A 240 -4.69 -6.53 -11.57
C ILE A 240 -6.07 -7.12 -11.89
N PRO A 241 -6.19 -8.41 -12.25
CA PRO A 241 -7.60 -8.90 -12.42
C PRO A 241 -8.51 -8.69 -11.18
N ASP A 242 -7.95 -8.97 -9.98
CA ASP A 242 -8.68 -8.63 -8.72
C ASP A 242 -8.95 -7.17 -8.53
N VAL A 243 -7.96 -6.31 -8.88
CA VAL A 243 -8.17 -4.89 -8.78
C VAL A 243 -9.35 -4.47 -9.67
N ILE A 244 -9.42 -5.02 -10.89
CA ILE A 244 -10.54 -4.68 -11.79
C ILE A 244 -11.88 -5.18 -11.18
N THR A 245 -11.94 -6.44 -10.78
CA THR A 245 -13.16 -7.01 -10.09
C THR A 245 -13.53 -6.11 -8.94
N TYR A 246 -12.55 -5.74 -8.09
CA TYR A 246 -12.84 -4.93 -6.92
C TYR A 246 -13.48 -3.55 -7.32
N LEU A 247 -12.83 -2.87 -8.25
CA LEU A 247 -13.29 -1.51 -8.61
C LEU A 247 -14.67 -1.60 -9.35
N SER A 248 -14.89 -2.66 -10.11
CA SER A 248 -16.16 -2.87 -10.91
C SER A 248 -17.39 -2.97 -10.00
N ARG A 249 -17.19 -3.30 -8.71
CA ARG A 249 -18.29 -3.51 -7.79
C ARG A 249 -18.69 -2.28 -7.06
N LEU A 250 -17.87 -1.22 -7.09
CA LEU A 250 -18.09 0.00 -6.32
C LEU A 250 -19.21 0.85 -6.95
N ARG A 251 -20.15 1.33 -6.11
CA ARG A 251 -21.31 2.11 -6.61
C ARG A 251 -21.26 3.50 -6.12
N ASN A 252 -20.49 3.78 -5.08
CA ASN A 252 -20.40 5.14 -4.59
C ASN A 252 -19.29 5.86 -5.31
N GLN A 253 -19.61 7.04 -5.86
CA GLN A 253 -18.60 7.83 -6.56
C GLN A 253 -17.42 8.22 -5.69
N SER A 254 -17.64 8.73 -4.49
CA SER A 254 -16.46 9.20 -3.76
C SER A 254 -15.57 7.99 -3.36
N VAL A 255 -16.20 6.86 -3.05
CA VAL A 255 -15.46 5.57 -2.78
C VAL A 255 -14.68 5.08 -3.99
N PHE A 256 -15.35 5.00 -5.16
CA PHE A 256 -14.68 4.74 -6.45
C PHE A 256 -13.41 5.56 -6.67
N ASN A 257 -13.47 6.89 -6.48
CA ASN A 257 -12.34 7.77 -6.80
C ASN A 257 -11.24 7.49 -5.77
N PHE A 258 -11.63 7.34 -4.48
CA PHE A 258 -10.65 7.05 -3.45
C PHE A 258 -9.88 5.74 -3.74
N CYS A 259 -10.59 4.71 -4.21
CA CYS A 259 -9.96 3.40 -4.47
C CYS A 259 -9.20 3.36 -5.82
N ALA A 260 -9.75 4.07 -6.83
CA ALA A 260 -9.20 3.97 -8.16
C ALA A 260 -7.94 4.81 -8.31
N ILE A 261 -7.85 5.95 -7.66
CA ILE A 261 -6.73 6.83 -7.84
C ILE A 261 -5.35 6.14 -7.51
N PRO A 262 -5.27 5.48 -6.33
CA PRO A 262 -3.97 4.85 -6.08
C PRO A 262 -3.67 3.74 -7.06
N GLN A 263 -4.69 3.02 -7.58
CA GLN A 263 -4.43 1.87 -8.42
C GLN A 263 -3.92 2.34 -9.80
N VAL A 264 -4.50 3.42 -10.36
CA VAL A 264 -4.02 3.88 -11.67
C VAL A 264 -2.60 4.51 -11.55
N MET A 265 -2.30 5.14 -10.43
CA MET A 265 -0.95 5.63 -10.19
C MET A 265 0.10 4.52 -10.08
N ALA A 266 -0.24 3.45 -9.35
CA ALA A 266 0.60 2.25 -9.33
C ALA A 266 0.74 1.62 -10.70
N ILE A 267 -0.32 1.53 -11.47
CA ILE A 267 -0.19 1.02 -12.81
C ILE A 267 0.84 1.81 -13.65
N ALA A 268 0.75 3.14 -13.59
CA ALA A 268 1.62 4.02 -14.42
C ALA A 268 3.05 3.89 -13.90
N THR A 269 3.19 3.67 -12.57
CA THR A 269 4.52 3.55 -11.93
C THR A 269 5.20 2.29 -12.36
N LEU A 270 4.47 1.19 -12.36
CA LEU A 270 4.97 -0.07 -12.86
C LEU A 270 5.42 0.00 -14.34
N ALA A 271 4.62 0.67 -15.16
CA ALA A 271 5.00 0.88 -16.59
C ALA A 271 6.27 1.70 -16.65
N ALA A 272 6.38 2.74 -15.85
CA ALA A 272 7.62 3.57 -15.81
C ALA A 272 8.89 2.78 -15.38
N CYS A 273 8.69 1.83 -14.45
CA CYS A 273 9.77 1.04 -13.89
C CYS A 273 10.13 -0.11 -14.76
N TYR A 274 9.19 -0.56 -15.63
CA TYR A 274 9.39 -1.79 -16.34
C TYR A 274 10.62 -1.71 -17.30
N ASN A 275 11.54 -2.68 -17.20
CA ASN A 275 12.78 -2.69 -17.97
C ASN A 275 13.64 -1.41 -17.81
N ASN A 276 13.51 -0.74 -16.67
CA ASN A 276 14.10 0.55 -16.49
C ASN A 276 15.36 0.47 -15.55
N GLN A 277 16.55 0.58 -16.15
CA GLN A 277 17.80 0.74 -15.37
C GLN A 277 17.75 1.81 -14.30
N GLN A 278 17.04 2.91 -14.53
CA GLN A 278 17.07 3.99 -13.53
C GLN A 278 16.57 3.59 -12.12
N VAL A 279 15.77 2.53 -12.01
CA VAL A 279 15.36 1.95 -10.69
C VAL A 279 16.55 1.69 -9.76
N PHE A 280 17.68 1.31 -10.39
CA PHE A 280 18.90 1.01 -9.63
C PHE A 280 19.81 2.19 -9.42
N LYS A 281 19.44 3.37 -9.91
CA LYS A 281 20.26 4.62 -9.78
C LYS A 281 19.50 5.72 -9.04
N GLY A 282 18.20 5.54 -8.78
CA GLY A 282 17.47 6.64 -8.17
C GLY A 282 16.00 6.34 -8.07
N ALA A 283 15.21 7.39 -7.86
CA ALA A 283 13.80 7.25 -7.57
C ALA A 283 13.02 7.55 -8.86
N VAL A 284 12.52 6.51 -9.49
CA VAL A 284 11.64 6.62 -10.68
C VAL A 284 10.23 7.03 -10.20
N LYS A 285 9.76 8.17 -10.68
CA LYS A 285 8.48 8.73 -10.25
C LYS A 285 7.66 9.18 -11.45
N ILE A 286 6.33 9.18 -11.36
CA ILE A 286 5.57 9.69 -12.51
C ILE A 286 5.54 11.21 -12.36
N ARG A 287 5.59 11.94 -13.49
CA ARG A 287 5.57 13.41 -13.48
C ARG A 287 4.31 13.93 -12.82
N LYS A 288 4.41 15.07 -12.11
CA LYS A 288 3.25 15.72 -11.46
C LYS A 288 2.05 15.84 -12.40
N GLY A 289 2.26 16.40 -13.61
CA GLY A 289 1.12 16.59 -14.53
C GLY A 289 0.51 15.28 -15.01
N GLN A 290 1.34 14.24 -15.18
CA GLN A 290 0.81 12.94 -15.49
C GLN A 290 -0.10 12.43 -14.33
N ALA A 291 0.41 12.50 -13.11
CA ALA A 291 -0.35 12.17 -11.89
C ALA A 291 -1.73 12.90 -11.82
N VAL A 292 -1.70 14.22 -12.05
CA VAL A 292 -2.93 15.02 -12.00
C VAL A 292 -3.95 14.55 -12.98
N THR A 293 -3.51 14.22 -14.22
CA THR A 293 -4.41 13.79 -15.23
C THR A 293 -4.96 12.40 -14.94
N LEU A 294 -4.09 11.51 -14.42
CA LEU A 294 -4.62 10.22 -13.97
C LEU A 294 -5.73 10.36 -12.90
N MET A 295 -5.48 11.18 -11.89
CA MET A 295 -6.44 11.44 -10.83
C MET A 295 -7.80 11.94 -11.39
N MET A 296 -7.76 12.86 -12.38
CA MET A 296 -9.00 13.45 -12.89
C MET A 296 -9.74 12.47 -13.70
N ASP A 297 -9.01 11.60 -14.41
CA ASP A 297 -9.67 10.67 -15.32
C ASP A 297 -10.26 9.44 -14.63
N ALA A 298 -9.70 9.10 -13.46
CA ALA A 298 -10.06 7.81 -12.81
C ALA A 298 -11.37 7.86 -12.02
N THR A 299 -12.49 7.98 -12.73
CA THR A 299 -13.75 8.24 -12.07
C THR A 299 -14.86 7.30 -12.56
N ASN A 300 -14.54 6.37 -13.44
CA ASN A 300 -15.54 5.37 -13.90
C ASN A 300 -14.83 4.17 -14.44
N MET A 301 -15.50 3.02 -14.51
CA MET A 301 -14.80 1.79 -14.92
C MET A 301 -14.27 1.79 -16.35
N PRO A 302 -15.09 2.24 -17.33
CA PRO A 302 -14.46 2.23 -18.66
C PRO A 302 -13.16 3.05 -18.72
N ALA A 303 -13.04 4.18 -18.06
CA ALA A 303 -11.83 5.01 -18.14
C ALA A 303 -10.64 4.40 -17.37
N VAL A 304 -10.91 3.84 -16.18
CA VAL A 304 -9.92 3.01 -15.48
C VAL A 304 -9.49 1.81 -16.28
N LYS A 305 -10.41 1.05 -16.88
CA LYS A 305 -9.94 -0.06 -17.69
C LYS A 305 -9.10 0.37 -18.90
N ALA A 306 -9.44 1.51 -19.52
CA ALA A 306 -8.65 2.04 -20.69
C ALA A 306 -7.22 2.48 -20.25
N ILE A 307 -7.13 3.10 -19.08
CA ILE A 307 -5.82 3.43 -18.51
C ILE A 307 -4.99 2.15 -18.29
N ILE A 308 -5.59 1.13 -17.67
CA ILE A 308 -4.90 -0.15 -17.45
C ILE A 308 -4.42 -0.76 -18.77
N TYR A 309 -5.30 -0.82 -19.77
CA TYR A 309 -4.98 -1.51 -21.01
C TYR A 309 -3.84 -0.76 -21.74
N GLN A 310 -3.91 0.53 -21.79
CA GLN A 310 -2.87 1.40 -22.42
C GLN A 310 -1.49 1.25 -21.79
N TYR A 311 -1.45 1.26 -20.46
CA TYR A 311 -0.15 1.01 -19.81
C TYR A 311 0.35 -0.46 -19.96
N MET A 312 -0.58 -1.44 -19.91
CA MET A 312 -0.18 -2.82 -20.10
C MET A 312 0.33 -3.07 -21.53
N GLU A 313 -0.33 -2.49 -22.51
CA GLU A 313 0.15 -2.58 -23.92
C GLU A 313 1.53 -1.95 -24.11
N GLU A 314 1.76 -0.86 -23.39
CA GLU A 314 3.07 -0.25 -23.40
C GLU A 314 4.12 -1.19 -22.84
N ILE A 315 3.81 -1.82 -21.72
CA ILE A 315 4.75 -2.73 -21.14
C ILE A 315 4.97 -3.93 -22.07
N TYR A 316 3.87 -4.39 -22.65
CA TYR A 316 3.87 -5.52 -23.51
C TYR A 316 4.82 -5.30 -24.68
N HIS A 317 4.71 -4.14 -25.33
CA HIS A 317 5.54 -3.84 -26.48
C HIS A 317 7.00 -3.56 -26.11
N ARG A 318 7.28 -3.42 -24.82
CA ARG A 318 8.65 -3.14 -24.29
C ARG A 318 9.41 -4.44 -23.86
N ILE A 319 8.72 -5.59 -23.85
CA ILE A 319 9.25 -6.84 -23.27
C ILE A 319 10.43 -7.34 -24.11
N PRO A 320 11.61 -7.47 -23.50
CA PRO A 320 12.72 -8.01 -24.33
C PRO A 320 12.50 -9.51 -24.52
N ASP A 321 12.61 -10.00 -25.77
CA ASP A 321 12.53 -11.46 -26.01
C ASP A 321 13.43 -12.30 -25.16
N SER A 322 14.61 -11.80 -24.79
CA SER A 322 15.46 -12.60 -23.93
C SER A 322 15.17 -12.41 -22.44
N ASP A 323 14.29 -11.48 -22.07
CA ASP A 323 13.99 -11.42 -20.64
C ASP A 323 13.56 -12.80 -20.12
N PRO A 324 14.14 -13.31 -19.00
CA PRO A 324 13.70 -14.66 -18.57
C PRO A 324 12.22 -14.77 -18.12
N SER A 325 11.52 -13.64 -17.88
CA SER A 325 10.11 -13.71 -17.46
C SER A 325 9.21 -13.39 -18.64
N SER A 326 9.77 -13.25 -19.86
CA SER A 326 9.04 -12.63 -20.96
C SER A 326 7.68 -13.31 -21.27
N SER A 327 7.63 -14.64 -21.34
CA SER A 327 6.35 -15.24 -21.60
C SER A 327 5.40 -15.22 -20.39
N LYS A 328 5.90 -15.16 -19.15
CA LYS A 328 5.01 -14.91 -17.99
C LYS A 328 4.45 -13.52 -18.06
N THR A 329 5.29 -12.54 -18.41
CA THR A 329 4.78 -11.19 -18.58
C THR A 329 3.67 -11.10 -19.67
N ARG A 330 3.90 -11.73 -20.82
CA ARG A 330 2.90 -11.67 -21.91
C ARG A 330 1.62 -12.41 -21.50
N GLN A 331 1.76 -13.54 -20.84
CA GLN A 331 0.58 -14.29 -20.36
C GLN A 331 -0.33 -13.50 -19.41
N ILE A 332 0.25 -12.84 -18.42
CA ILE A 332 -0.60 -12.08 -17.46
C ILE A 332 -1.19 -10.90 -18.19
N ILE A 333 -0.43 -10.29 -19.13
CA ILE A 333 -0.99 -9.11 -19.83
C ILE A 333 -2.20 -9.56 -20.68
N SER A 334 -2.05 -10.73 -21.33
CA SER A 334 -3.10 -11.32 -22.18
C SER A 334 -4.35 -11.61 -21.34
N THR A 335 -4.18 -12.26 -20.20
CA THR A 335 -5.29 -12.44 -19.23
C THR A 335 -6.01 -11.13 -18.87
N ILE A 336 -5.26 -10.11 -18.45
CA ILE A 336 -5.87 -8.84 -18.08
C ILE A 336 -6.72 -8.30 -19.25
N ARG A 337 -6.15 -8.27 -20.47
CA ARG A 337 -6.83 -7.73 -21.67
C ARG A 337 -8.17 -8.44 -22.00
N THR A 338 -8.10 -9.76 -22.08
CA THR A 338 -9.12 -10.62 -22.66
C THR A 338 -10.22 -10.97 -21.66
N GLN A 339 -9.81 -11.35 -20.45
CA GLN A 339 -10.71 -11.66 -19.33
C GLN A 339 -11.37 -10.35 -18.86
N ASN A 340 -11.39 -9.35 -19.74
CA ASN A 340 -12.10 -8.07 -19.56
C ASN A 340 -13.32 -8.16 -18.64
#